data_3LWD
#
_entry.id   3LWD
#
_cell.length_a   60.647
_cell.length_b   60.647
_cell.length_c   133.089
_cell.angle_alpha   90.00
_cell.angle_beta   90.00
_cell.angle_gamma   120.00
#
_symmetry.space_group_name_H-M   'P 31 2 1'
#
loop_
_entity.id
_entity.type
_entity.pdbx_description
1 polymer 6-phosphogluconolactonase
2 non-polymer GLYCEROL
3 non-polymer 'SODIUM ION'
4 water water
#
_entity_poly.entity_id   1
_entity_poly.type   'polypeptide(L)'
_entity_poly.pdbx_seq_one_letter_code
;G(MSE)(MSE)NTTQEGRQRLAERLADTVAQALEADLAKRERALLVVSGGSTPKPFFTSLAAKALPWARVDVTLADERWV
TADDADSNARLVRETLLVGPAAEACFHPLTTDDDTPEAGVETVAERLESLPWPASAVILG(MSE)GGDGHTASLFPDSEQ
LATALETTSAAVVVHAPSVPQARITLSASRLADAGLHVLHITGNDKRRVLAEALAGDDVRQLPIRAFLSQPIATYWAP
;
_entity_poly.pdbx_strand_id   A
#
loop_
_chem_comp.id
_chem_comp.type
_chem_comp.name
_chem_comp.formula
GOL non-polymer GLYCEROL 'C3 H8 O3'
NA non-polymer 'SODIUM ION' 'Na 1'
#
# COMPACT_ATOMS: atom_id res chain seq x y z
N ASN A 4 -12.72 -3.74 23.65
CA ASN A 4 -11.38 -3.30 24.18
C ASN A 4 -11.18 -1.77 24.12
N THR A 5 -10.53 -1.22 25.13
CA THR A 5 -10.07 0.15 25.07
C THR A 5 -8.98 0.19 23.97
N THR A 6 -8.26 -0.94 23.81
CA THR A 6 -7.29 -1.11 22.72
C THR A 6 -8.02 -1.05 21.37
N GLN A 7 -9.12 -1.78 21.26
CA GLN A 7 -9.88 -1.80 20.02
C GLN A 7 -10.48 -0.42 19.72
N GLU A 8 -11.03 0.25 20.74
CA GLU A 8 -11.57 1.62 20.57
C GLU A 8 -10.48 2.58 20.04
N GLY A 9 -9.29 2.50 20.60
CA GLY A 9 -8.20 3.38 20.17
C GLY A 9 -7.83 3.17 18.72
N ARG A 10 -7.79 1.92 18.29
CA ARG A 10 -7.46 1.60 16.92
C ARG A 10 -8.56 2.04 15.95
N GLN A 11 -9.80 1.90 16.39
CA GLN A 11 -10.97 2.30 15.60
C GLN A 11 -10.98 3.82 15.38
N ARG A 12 -10.79 4.55 16.46
CA ARG A 12 -10.78 6.01 16.41
CA ARG A 12 -10.76 6.02 16.42
C ARG A 12 -9.62 6.52 15.54
N LEU A 13 -8.43 5.94 15.72
CA LEU A 13 -7.27 6.28 14.89
C LEU A 13 -7.59 6.07 13.39
N ALA A 14 -8.22 4.93 13.08
CA ALA A 14 -8.56 4.61 11.69
C ALA A 14 -9.58 5.60 11.08
N GLU A 15 -10.50 6.08 11.90
CA GLU A 15 -11.50 7.06 11.46
C GLU A 15 -10.84 8.39 11.12
N ARG A 16 -9.86 8.80 11.93
CA ARG A 16 -9.12 10.04 11.67
C ARG A 16 -8.30 9.87 10.40
N LEU A 17 -7.70 8.69 10.23
CA LEU A 17 -6.92 8.40 9.02
C LEU A 17 -7.80 8.43 7.77
N ALA A 18 -8.98 7.82 7.88
CA ALA A 18 -9.93 7.84 6.76
C ALA A 18 -10.30 9.28 6.37
N ASP A 19 -10.46 10.17 7.36
CA ASP A 19 -10.72 11.59 7.09
C ASP A 19 -9.57 12.19 6.25
N THR A 20 -8.36 11.96 6.72
CA THR A 20 -7.19 12.51 6.09
C THR A 20 -7.09 12.06 4.62
N VAL A 21 -7.30 10.78 4.39
CA VAL A 21 -7.19 10.21 3.05
C VAL A 21 -8.32 10.71 2.14
N ALA A 22 -9.55 10.76 2.66
CA ALA A 22 -10.65 11.27 1.89
C ALA A 22 -10.40 12.73 1.45
N GLN A 23 -9.89 13.56 2.37
CA GLN A 23 -9.60 14.94 2.04
C GLN A 23 -8.45 15.06 1.03
N ALA A 24 -7.44 14.20 1.17
CA ALA A 24 -6.31 14.17 0.21
C ALA A 24 -6.86 13.91 -1.19
N LEU A 25 -7.78 12.92 -1.29
CA LEU A 25 -8.42 12.60 -2.59
C LEU A 25 -9.26 13.78 -3.11
N GLU A 26 -10.06 14.39 -2.25
CA GLU A 26 -10.89 15.53 -2.67
CA GLU A 26 -10.90 15.51 -2.69
C GLU A 26 -10.04 16.70 -3.18
N ALA A 27 -8.92 16.95 -2.52
CA ALA A 27 -8.02 18.05 -2.88
C ALA A 27 -7.46 17.80 -4.27
N ASP A 28 -7.12 16.55 -4.56
CA ASP A 28 -6.62 16.17 -5.90
CA ASP A 28 -6.59 16.18 -5.87
C ASP A 28 -7.70 16.27 -6.93
N LEU A 29 -8.87 15.73 -6.59
CA LEU A 29 -10.04 15.78 -7.51
C LEU A 29 -10.51 17.22 -7.85
N ALA A 30 -10.16 18.19 -7.00
CA ALA A 30 -10.47 19.62 -7.28
C ALA A 30 -9.53 20.18 -8.42
N LYS A 31 -8.41 19.50 -8.64
CA LYS A 31 -7.38 19.94 -9.60
C LYS A 31 -7.25 19.04 -10.83
N ARG A 32 -7.62 17.76 -10.70
CA ARG A 32 -7.42 16.75 -11.78
C ARG A 32 -8.67 15.89 -12.01
N GLU A 33 -8.80 15.30 -13.22
CA GLU A 33 -9.93 14.45 -13.61
CA GLU A 33 -10.01 14.52 -13.50
C GLU A 33 -10.05 13.22 -12.71
N ARG A 34 -8.92 12.55 -12.52
CA ARG A 34 -8.88 11.33 -11.69
C ARG A 34 -7.81 11.41 -10.62
N ALA A 35 -8.07 10.71 -9.51
CA ALA A 35 -7.15 10.64 -8.38
C ALA A 35 -6.73 9.18 -8.17
N LEU A 36 -5.64 8.99 -7.44
CA LEU A 36 -5.07 7.66 -7.24
C LEU A 36 -4.80 7.42 -5.80
N LEU A 37 -5.30 6.30 -5.29
CA LEU A 37 -5.08 5.84 -3.90
C LEU A 37 -4.33 4.49 -3.94
N VAL A 38 -3.20 4.39 -3.22
CA VAL A 38 -2.45 3.16 -3.13
C VAL A 38 -2.56 2.69 -1.70
N VAL A 39 -3.07 1.47 -1.50
CA VAL A 39 -3.22 0.91 -0.17
C VAL A 39 -2.44 -0.37 0.04
N SER A 40 -2.29 -0.74 1.31
CA SER A 40 -1.60 -1.95 1.71
C SER A 40 -2.57 -2.95 2.33
N GLY A 41 -2.17 -4.20 2.32
CA GLY A 41 -3.00 -5.28 2.90
C GLY A 41 -2.73 -5.53 4.38
N GLY A 42 -3.15 -6.69 4.84
CA GLY A 42 -3.03 -7.04 6.24
C GLY A 42 -4.30 -6.71 7.04
N SER A 43 -4.26 -6.98 8.33
CA SER A 43 -5.42 -6.76 9.18
C SER A 43 -5.54 -5.30 9.69
N THR A 44 -4.41 -4.62 9.88
CA THR A 44 -4.42 -3.27 10.43
C THR A 44 -5.32 -2.28 9.65
N PRO A 45 -5.28 -2.31 8.32
CA PRO A 45 -6.07 -1.37 7.53
C PRO A 45 -7.59 -1.54 7.62
N LYS A 46 -8.06 -2.69 8.12
CA LYS A 46 -9.50 -3.03 8.04
CA LYS A 46 -9.50 -3.03 8.04
C LYS A 46 -10.45 -1.90 8.49
N PRO A 47 -10.27 -1.37 9.72
CA PRO A 47 -11.20 -0.31 10.16
C PRO A 47 -11.02 1.00 9.36
N PHE A 48 -9.82 1.21 8.83
CA PHE A 48 -9.53 2.38 7.98
C PHE A 48 -10.30 2.21 6.64
N PHE A 49 -10.21 1.03 6.04
CA PHE A 49 -10.98 0.72 4.81
C PHE A 49 -12.49 0.90 5.02
N THR A 50 -13.03 0.38 6.13
CA THR A 50 -14.45 0.44 6.40
C THR A 50 -14.95 1.89 6.59
N SER A 51 -14.16 2.70 7.28
CA SER A 51 -14.49 4.09 7.50
C SER A 51 -14.39 4.89 6.21
N LEU A 52 -13.33 4.67 5.47
CA LEU A 52 -13.10 5.38 4.20
C LEU A 52 -14.18 5.02 3.16
N ALA A 53 -14.58 3.74 3.12
CA ALA A 53 -15.55 3.25 2.13
C ALA A 53 -16.88 3.98 2.20
N ALA A 54 -17.26 4.40 3.40
CA ALA A 54 -18.54 5.06 3.63
C ALA A 54 -18.55 6.56 3.29
N LYS A 55 -17.40 7.13 2.93
CA LYS A 55 -17.34 8.58 2.65
C LYS A 55 -17.99 8.92 1.30
N ALA A 56 -18.79 10.00 1.28
CA ALA A 56 -19.45 10.48 0.05
C ALA A 56 -18.41 11.29 -0.72
N LEU A 57 -17.80 10.65 -1.68
CA LEU A 57 -16.67 11.18 -2.39
C LEU A 57 -16.93 10.82 -3.86
N PRO A 58 -16.37 11.58 -4.83
CA PRO A 58 -16.59 11.16 -6.24
C PRO A 58 -15.75 9.90 -6.57
N TRP A 59 -16.15 8.76 -5.99
CA TRP A 59 -15.36 7.54 -6.10
C TRP A 59 -15.18 7.04 -7.54
N ALA A 60 -16.15 7.35 -8.42
CA ALA A 60 -16.05 6.95 -9.84
C ALA A 60 -14.78 7.54 -10.50
N ARG A 61 -14.24 8.61 -9.91
CA ARG A 61 -13.06 9.27 -10.46
C ARG A 61 -11.78 8.86 -9.72
N VAL A 62 -11.88 7.85 -8.87
CA VAL A 62 -10.74 7.39 -8.09
C VAL A 62 -10.27 6.01 -8.55
N ASP A 63 -8.97 5.91 -8.82
CA ASP A 63 -8.36 4.62 -9.11
C ASP A 63 -7.70 4.15 -7.84
N VAL A 64 -7.90 2.89 -7.52
CA VAL A 64 -7.30 2.28 -6.31
C VAL A 64 -6.39 1.14 -6.74
N THR A 65 -5.19 1.07 -6.18
CA THR A 65 -4.33 -0.06 -6.38
C THR A 65 -3.59 -0.43 -5.09
N LEU A 66 -2.71 -1.42 -5.18
CA LEU A 66 -2.01 -1.96 -4.03
C LEU A 66 -0.55 -1.58 -4.02
N ALA A 67 0.05 -1.52 -2.83
CA ALA A 67 1.49 -1.32 -2.66
C ALA A 67 2.26 -2.61 -3.06
N ASP A 68 1.63 -3.76 -2.83
CA ASP A 68 2.24 -5.05 -3.14
C ASP A 68 1.16 -6.11 -3.14
N GLU A 69 1.52 -7.30 -3.60
CA GLU A 69 0.57 -8.37 -3.71
C GLU A 69 1.27 -9.71 -3.74
N ARG A 70 0.54 -10.71 -3.28
CA ARG A 70 0.98 -12.10 -3.33
C ARG A 70 0.54 -12.70 -4.65
N TRP A 71 1.38 -13.54 -5.25
CA TRP A 71 1.05 -14.14 -6.55
C TRP A 71 0.09 -15.32 -6.37
N VAL A 72 -1.17 -14.97 -6.12
CA VAL A 72 -2.23 -15.93 -5.84
C VAL A 72 -3.50 -15.39 -6.50
N THR A 73 -4.50 -16.26 -6.65
CA THR A 73 -5.76 -15.85 -7.28
C THR A 73 -6.47 -14.80 -6.43
N ALA A 74 -7.37 -14.06 -7.08
CA ALA A 74 -8.13 -12.98 -6.42
C ALA A 74 -9.05 -13.49 -5.28
N ASP A 75 -9.36 -14.79 -5.26
CA ASP A 75 -10.23 -15.34 -4.22
C ASP A 75 -9.44 -16.11 -3.16
N ASP A 76 -8.10 -16.08 -3.27
CA ASP A 76 -7.23 -16.77 -2.32
C ASP A 76 -7.25 -16.07 -0.94
N ALA A 77 -7.18 -16.86 0.13
CA ALA A 77 -7.15 -16.29 1.49
C ALA A 77 -5.99 -15.30 1.67
N ASP A 78 -4.91 -15.50 0.91
CA ASP A 78 -3.72 -14.68 1.07
C ASP A 78 -3.66 -13.52 0.06
N SER A 79 -4.76 -13.29 -0.64
CA SER A 79 -4.80 -12.22 -1.64
C SER A 79 -5.08 -10.84 -1.00
N ASN A 80 -4.23 -9.86 -1.29
CA ASN A 80 -4.47 -8.49 -0.82
C ASN A 80 -5.68 -7.89 -1.53
N ALA A 81 -5.82 -8.21 -2.82
CA ALA A 81 -6.95 -7.74 -3.60
C ALA A 81 -8.27 -8.16 -2.97
N ARG A 82 -8.33 -9.39 -2.47
CA ARG A 82 -9.56 -9.88 -1.86
C ARG A 82 -9.96 -9.02 -0.66
N LEU A 83 -9.00 -8.74 0.20
CA LEU A 83 -9.23 -7.90 1.39
C LEU A 83 -9.76 -6.51 1.00
N VAL A 84 -9.15 -5.89 -0.01
CA VAL A 84 -9.56 -4.58 -0.45
C VAL A 84 -10.96 -4.61 -1.02
N ARG A 85 -11.26 -5.61 -1.86
CA ARG A 85 -12.60 -5.75 -2.44
CA ARG A 85 -12.59 -5.69 -2.44
C ARG A 85 -13.67 -5.93 -1.38
N GLU A 86 -13.36 -6.75 -0.38
CA GLU A 86 -14.36 -7.08 0.64
C GLU A 86 -14.57 -5.98 1.68
N THR A 87 -13.57 -5.11 1.85
CA THR A 87 -13.61 -4.14 2.94
C THR A 87 -13.68 -2.68 2.45
N LEU A 88 -12.91 -2.33 1.43
CA LEU A 88 -12.86 -0.93 0.95
C LEU A 88 -13.89 -0.65 -0.14
N LEU A 89 -14.01 -1.57 -1.10
CA LEU A 89 -14.85 -1.34 -2.25
C LEU A 89 -16.30 -1.74 -1.97
N VAL A 90 -16.88 -1.10 -0.96
CA VAL A 90 -18.27 -1.32 -0.62
CA VAL A 90 -18.25 -1.34 -0.50
C VAL A 90 -18.96 0.01 -0.37
N GLY A 91 -20.27 0.04 -0.56
CA GLY A 91 -21.03 1.28 -0.44
C GLY A 91 -20.54 2.31 -1.47
N PRO A 92 -20.43 3.58 -1.05
CA PRO A 92 -19.96 4.61 -1.99
C PRO A 92 -18.67 4.22 -2.74
N ALA A 93 -17.71 3.62 -2.04
CA ALA A 93 -16.42 3.28 -2.63
C ALA A 93 -16.48 2.10 -3.62
N ALA A 94 -17.62 1.41 -3.68
CA ALA A 94 -17.80 0.36 -4.69
C ALA A 94 -17.74 0.93 -6.12
N GLU A 95 -17.87 2.26 -6.25
CA GLU A 95 -17.79 2.91 -7.55
CA GLU A 95 -17.79 2.96 -7.54
C GLU A 95 -16.34 3.22 -7.97
N ALA A 96 -15.39 3.00 -7.05
CA ALA A 96 -13.96 3.17 -7.37
C ALA A 96 -13.50 2.10 -8.36
N CYS A 97 -12.48 2.42 -9.14
CA CYS A 97 -11.90 1.47 -10.10
CA CYS A 97 -11.93 1.50 -10.10
C CYS A 97 -10.65 0.87 -9.51
N PHE A 98 -10.70 -0.43 -9.21
CA PHE A 98 -9.59 -1.13 -8.61
C PHE A 98 -8.69 -1.75 -9.67
N HIS A 99 -7.38 -1.71 -9.43
CA HIS A 99 -6.38 -2.21 -10.36
C HIS A 99 -5.49 -3.24 -9.68
N PRO A 100 -5.73 -4.53 -9.98
CA PRO A 100 -4.96 -5.59 -9.33
C PRO A 100 -3.50 -5.61 -9.80
N LEU A 101 -2.66 -6.34 -9.08
CA LEU A 101 -1.25 -6.45 -9.42
C LEU A 101 -0.91 -7.85 -9.96
N THR A 102 -1.91 -8.59 -10.41
CA THR A 102 -1.71 -9.92 -10.95
C THR A 102 -2.14 -10.04 -12.41
N THR A 103 -1.73 -11.16 -13.02
CA THR A 103 -2.18 -11.59 -14.34
C THR A 103 -2.46 -13.11 -14.22
N ASP A 104 -2.95 -13.70 -15.30
CA ASP A 104 -3.21 -15.14 -15.31
CA ASP A 104 -3.22 -15.14 -15.34
C ASP A 104 -1.96 -15.97 -15.69
N ASP A 105 -0.78 -15.36 -15.61
CA ASP A 105 0.47 -16.12 -15.83
C ASP A 105 0.76 -16.90 -14.53
N ASP A 106 1.39 -18.08 -14.64
CA ASP A 106 1.59 -18.86 -13.41
CA ASP A 106 1.69 -18.94 -13.47
C ASP A 106 2.80 -18.39 -12.58
N THR A 107 3.61 -17.46 -13.12
CA THR A 107 4.71 -16.87 -12.35
C THR A 107 4.68 -15.34 -12.43
N PRO A 108 5.15 -14.67 -11.38
CA PRO A 108 5.19 -13.21 -11.41
C PRO A 108 6.20 -12.71 -12.43
N GLU A 109 7.25 -13.47 -12.69
CA GLU A 109 8.24 -13.09 -13.68
C GLU A 109 7.58 -12.91 -15.04
N ALA A 110 6.64 -13.81 -15.37
CA ALA A 110 5.93 -13.74 -16.64
C ALA A 110 4.91 -12.60 -16.70
N GLY A 111 4.31 -12.27 -15.57
CA GLY A 111 3.27 -11.23 -15.52
C GLY A 111 3.71 -9.78 -15.25
N VAL A 112 4.93 -9.59 -14.77
CA VAL A 112 5.33 -8.29 -14.20
C VAL A 112 5.31 -7.15 -15.22
N GLU A 113 5.72 -7.40 -16.46
CA GLU A 113 5.69 -6.34 -17.48
CA GLU A 113 5.69 -6.36 -17.52
C GLU A 113 4.27 -5.84 -17.73
N THR A 114 3.32 -6.77 -17.74
CA THR A 114 1.91 -6.43 -17.95
C THR A 114 1.39 -5.62 -16.78
N VAL A 115 1.77 -6.03 -15.58
CA VAL A 115 1.38 -5.31 -14.39
C VAL A 115 2.01 -3.91 -14.36
N ALA A 116 3.31 -3.81 -14.68
CA ALA A 116 4.00 -2.50 -14.73
C ALA A 116 3.31 -1.59 -15.75
N GLU A 117 2.99 -2.13 -16.91
CA GLU A 117 2.29 -1.38 -17.96
C GLU A 117 0.94 -0.81 -17.46
N ARG A 118 0.19 -1.64 -16.75
CA ARG A 118 -1.09 -1.26 -16.15
C ARG A 118 -0.91 -0.12 -15.08
N LEU A 119 0.10 -0.27 -14.23
CA LEU A 119 0.40 0.74 -13.21
C LEU A 119 0.80 2.09 -13.80
N GLU A 120 1.56 2.07 -14.88
CA GLU A 120 1.99 3.31 -15.50
C GLU A 120 0.85 4.16 -16.05
N SER A 121 -0.29 3.53 -16.32
CA SER A 121 -1.45 4.21 -16.89
CA SER A 121 -1.43 4.25 -16.90
C SER A 121 -2.29 4.95 -15.85
N LEU A 122 -2.01 4.71 -14.57
CA LEU A 122 -2.78 5.33 -13.51
C LEU A 122 -2.37 6.80 -13.29
N PRO A 123 -3.21 7.58 -12.58
CA PRO A 123 -2.93 9.03 -12.41
C PRO A 123 -1.84 9.40 -11.35
N TRP A 124 -0.60 8.98 -11.58
CA TRP A 124 0.52 9.35 -10.72
C TRP A 124 0.79 10.86 -10.84
N PRO A 125 1.22 11.53 -9.76
CA PRO A 125 1.48 11.06 -8.42
C PRO A 125 0.20 10.71 -7.68
N ALA A 126 0.27 9.69 -6.83
CA ALA A 126 -0.87 9.28 -6.05
C ALA A 126 -1.29 10.39 -5.11
N SER A 127 -2.58 10.49 -4.83
CA SER A 127 -3.06 11.40 -3.82
C SER A 127 -2.54 10.93 -2.46
N ALA A 128 -2.50 9.61 -2.27
CA ALA A 128 -2.01 9.03 -1.03
C ALA A 128 -1.51 7.63 -1.22
N VAL A 129 -0.46 7.31 -0.47
CA VAL A 129 0.10 5.96 -0.38
C VAL A 129 0.10 5.57 1.08
N ILE A 130 -0.65 4.51 1.38
CA ILE A 130 -0.82 4.02 2.73
C ILE A 130 -0.02 2.73 2.89
N LEU A 131 1.00 2.80 3.75
CA LEU A 131 1.93 1.72 3.97
C LEU A 131 1.69 1.07 5.29
N GLY A 132 2.12 -0.18 5.38
CA GLY A 132 2.21 -0.88 6.63
C GLY A 132 3.67 -1.18 6.91
N MSE A 133 3.96 -1.83 8.03
CA MSE A 133 5.31 -2.25 8.36
C MSE A 133 5.29 -3.56 9.15
O MSE A 133 4.49 -3.72 10.08
CB MSE A 133 6.06 -1.18 9.15
CG MSE A 133 7.56 -1.49 9.43
SE MSE A 133 8.27 -0.33 10.83
CE MSE A 133 7.02 -1.01 12.25
N GLY A 134 6.16 -4.48 8.79
CA GLY A 134 6.30 -5.74 9.47
C GLY A 134 7.30 -5.66 10.62
N GLY A 135 7.29 -6.68 11.45
CA GLY A 135 8.23 -6.78 12.58
C GLY A 135 9.68 -6.79 12.17
N ASP A 136 9.94 -7.04 10.88
CA ASP A 136 11.30 -7.08 10.34
C ASP A 136 11.68 -5.74 9.67
N GLY A 137 10.80 -4.76 9.75
CA GLY A 137 11.04 -3.46 9.17
C GLY A 137 10.69 -3.35 7.67
N HIS A 138 10.12 -4.42 7.09
CA HIS A 138 9.72 -4.38 5.68
C HIS A 138 8.48 -3.51 5.52
N THR A 139 8.30 -2.99 4.31
CA THR A 139 7.07 -2.29 3.93
C THR A 139 6.78 -2.72 2.48
N ALA A 140 5.54 -2.57 2.03
CA ALA A 140 5.10 -3.12 0.74
C ALA A 140 5.63 -4.58 0.69
N SER A 141 6.30 -4.97 -0.41
CA SER A 141 7.05 -6.23 -0.41
C SER A 141 8.56 -5.97 -0.64
N LEU A 142 9.05 -4.97 0.10
CA LEU A 142 10.46 -4.62 0.17
C LEU A 142 11.04 -5.29 1.39
N PHE A 143 11.58 -6.49 1.21
CA PHE A 143 12.08 -7.32 2.30
C PHE A 143 13.62 -7.27 2.43
N PRO A 144 14.11 -7.12 3.67
CA PRO A 144 15.57 -7.09 3.88
C PRO A 144 16.29 -8.37 3.47
N ASP A 145 15.59 -9.50 3.43
CA ASP A 145 16.21 -10.77 3.03
C ASP A 145 15.92 -11.20 1.58
N SER A 146 15.42 -10.27 0.77
CA SER A 146 15.16 -10.55 -0.64
C SER A 146 16.35 -10.19 -1.53
N GLU A 147 16.73 -11.11 -2.42
CA GLU A 147 17.82 -10.82 -3.36
CA GLU A 147 17.81 -10.85 -3.40
C GLU A 147 17.39 -9.78 -4.41
N GLN A 148 16.08 -9.52 -4.49
CA GLN A 148 15.53 -8.53 -5.41
C GLN A 148 15.35 -7.14 -4.75
N LEU A 149 15.70 -7.01 -3.47
CA LEU A 149 15.50 -5.74 -2.75
C LEU A 149 16.23 -4.60 -3.42
N ALA A 150 17.51 -4.81 -3.74
CA ALA A 150 18.34 -3.77 -4.37
C ALA A 150 17.69 -3.25 -5.67
N THR A 151 17.18 -4.15 -6.48
CA THR A 151 16.49 -3.74 -7.71
C THR A 151 15.22 -2.94 -7.39
N ALA A 152 14.44 -3.43 -6.44
CA ALA A 152 13.22 -2.77 -6.03
C ALA A 152 13.51 -1.34 -5.50
N LEU A 153 14.64 -1.17 -4.83
CA LEU A 153 14.99 0.13 -4.23
C LEU A 153 15.55 1.11 -5.24
N GLU A 154 16.05 0.60 -6.36
CA GLU A 154 16.77 1.44 -7.33
C GLU A 154 16.09 1.64 -8.68
N THR A 155 15.29 0.67 -9.13
CA THR A 155 14.69 0.72 -10.46
C THR A 155 13.66 1.84 -10.63
N THR A 156 13.50 2.33 -11.87
CA THR A 156 12.43 3.27 -12.21
C THR A 156 11.20 2.51 -12.73
N SER A 157 11.32 1.18 -12.89
CA SER A 157 10.18 0.34 -13.24
CA SER A 157 10.18 0.35 -13.26
C SER A 157 9.10 0.47 -12.17
N ALA A 158 7.85 0.39 -12.59
CA ALA A 158 6.71 0.59 -11.68
C ALA A 158 6.53 -0.56 -10.67
N ALA A 159 6.83 -1.77 -11.11
CA ALA A 159 6.64 -2.99 -10.32
C ALA A 159 7.81 -3.94 -10.52
N VAL A 160 8.10 -4.72 -9.49
CA VAL A 160 9.26 -5.60 -9.48
C VAL A 160 8.85 -6.94 -8.80
N VAL A 161 9.32 -8.03 -9.35
CA VAL A 161 9.07 -9.34 -8.76
C VAL A 161 9.98 -9.51 -7.54
N VAL A 162 9.43 -10.06 -6.46
CA VAL A 162 10.17 -10.23 -5.22
C VAL A 162 9.99 -11.63 -4.63
N HIS A 163 11.12 -12.27 -4.29
CA HIS A 163 11.13 -13.51 -3.51
C HIS A 163 11.90 -13.23 -2.22
N ALA A 164 11.53 -13.92 -1.14
CA ALA A 164 12.24 -13.78 0.13
C ALA A 164 12.07 -15.05 0.94
N PRO A 165 13.17 -15.57 1.55
CA PRO A 165 13.00 -16.81 2.36
C PRO A 165 11.97 -16.65 3.50
N SER A 166 11.82 -15.43 3.99
CA SER A 166 10.94 -15.16 5.15
C SER A 166 9.42 -15.07 4.81
N VAL A 167 9.06 -15.14 3.53
CA VAL A 167 7.63 -15.15 3.16
C VAL A 167 7.33 -16.36 2.27
N PRO A 168 6.13 -16.94 2.42
CA PRO A 168 5.84 -18.24 1.85
C PRO A 168 5.36 -18.22 0.41
N GLN A 169 5.20 -17.04 -0.17
CA GLN A 169 4.81 -16.95 -1.58
C GLN A 169 5.54 -15.86 -2.32
N ALA A 170 5.51 -15.98 -3.64
CA ALA A 170 6.12 -15.01 -4.51
C ALA A 170 5.33 -13.72 -4.47
N ARG A 171 6.01 -12.60 -4.68
CA ARG A 171 5.39 -11.31 -4.58
C ARG A 171 5.64 -10.41 -5.76
N ILE A 172 4.77 -9.43 -5.86
CA ILE A 172 4.96 -8.28 -6.73
CA ILE A 172 5.02 -8.32 -6.71
C ILE A 172 4.94 -7.07 -5.82
N THR A 173 5.97 -6.21 -5.93
CA THR A 173 5.97 -4.95 -5.19
C THR A 173 6.02 -3.79 -6.13
N LEU A 174 5.32 -2.72 -5.79
CA LEU A 174 5.61 -1.46 -6.45
C LEU A 174 7.04 -1.10 -6.06
N SER A 175 7.79 -0.48 -6.97
CA SER A 175 9.17 -0.09 -6.66
C SER A 175 9.17 1.04 -5.62
N ALA A 176 10.29 1.24 -4.98
CA ALA A 176 10.44 2.35 -4.02
C ALA A 176 10.20 3.67 -4.73
N SER A 177 10.76 3.82 -5.95
CA SER A 177 10.61 5.03 -6.76
CA SER A 177 10.61 5.05 -6.71
C SER A 177 9.13 5.33 -7.04
N ARG A 178 8.39 4.31 -7.41
CA ARG A 178 6.96 4.47 -7.69
C ARG A 178 6.17 4.82 -6.41
N LEU A 179 6.40 4.08 -5.33
CA LEU A 179 5.74 4.35 -4.07
C LEU A 179 6.03 5.77 -3.54
N ALA A 180 7.22 6.30 -3.82
CA ALA A 180 7.58 7.66 -3.41
C ALA A 180 6.77 8.76 -4.15
N ASP A 181 6.18 8.42 -5.30
CA ASP A 181 5.54 9.41 -6.14
C ASP A 181 4.11 9.66 -5.68
N ALA A 182 3.98 10.39 -4.57
CA ALA A 182 2.67 10.64 -3.94
C ALA A 182 2.74 11.94 -3.12
N GLY A 183 1.61 12.63 -2.97
CA GLY A 183 1.54 13.90 -2.22
C GLY A 183 1.38 13.69 -0.70
N LEU A 184 0.99 12.47 -0.32
CA LEU A 184 0.83 12.08 1.09
C LEU A 184 1.25 10.64 1.28
N HIS A 185 2.13 10.41 2.26
CA HIS A 185 2.48 9.09 2.68
C HIS A 185 2.05 8.89 4.13
N VAL A 186 1.45 7.74 4.39
CA VAL A 186 1.05 7.34 5.71
C VAL A 186 1.65 5.99 6.05
N LEU A 187 2.18 5.87 7.26
CA LEU A 187 2.54 4.59 7.79
C LEU A 187 1.53 4.29 8.87
N HIS A 188 0.75 3.23 8.70
CA HIS A 188 -0.32 2.85 9.66
C HIS A 188 0.08 1.54 10.32
N ILE A 189 0.34 1.62 11.64
CA ILE A 189 0.85 0.51 12.41
C ILE A 189 0.23 0.51 13.81
N THR A 190 0.09 -0.65 14.42
CA THR A 190 -0.39 -0.71 15.78
C THR A 190 0.40 -1.75 16.58
N GLY A 191 0.38 -1.60 17.90
CA GLY A 191 1.05 -2.50 18.81
C GLY A 191 2.43 -2.05 19.21
N ASN A 192 2.89 -2.55 20.34
CA ASN A 192 4.18 -2.16 20.89
CA ASN A 192 4.19 -2.18 20.91
C ASN A 192 5.38 -2.64 20.10
N ASP A 193 5.33 -3.84 19.52
CA ASP A 193 6.49 -4.36 18.83
C ASP A 193 6.78 -3.47 17.63
N LYS A 194 5.74 -3.03 16.94
CA LYS A 194 5.93 -2.19 15.80
C LYS A 194 6.41 -0.78 16.21
N ARG A 195 5.99 -0.29 17.37
CA ARG A 195 6.53 0.98 17.90
C ARG A 195 8.06 0.85 18.10
N ARG A 196 8.49 -0.29 18.63
CA ARG A 196 9.92 -0.56 18.91
CA ARG A 196 9.90 -0.50 18.90
C ARG A 196 10.72 -0.62 17.61
N VAL A 197 10.18 -1.33 16.61
CA VAL A 197 10.88 -1.46 15.32
C VAL A 197 10.93 -0.11 14.58
N LEU A 198 9.84 0.64 14.64
CA LEU A 198 9.83 1.98 14.03
C LEU A 198 10.90 2.86 14.69
N ALA A 199 11.05 2.75 16.02
CA ALA A 199 12.06 3.51 16.73
C ALA A 199 13.44 3.21 16.18
N GLU A 200 13.75 1.92 16.02
CA GLU A 200 15.01 1.51 15.45
C GLU A 200 15.17 1.99 14.00
N ALA A 201 14.11 1.90 13.23
CA ALA A 201 14.13 2.38 11.84
C ALA A 201 14.49 3.89 11.79
N LEU A 202 13.76 4.71 12.58
CA LEU A 202 13.97 6.17 12.66
C LEU A 202 15.38 6.55 13.10
N ALA A 203 15.97 5.71 13.94
CA ALA A 203 17.30 5.96 14.52
C ALA A 203 18.47 5.76 13.56
N GLY A 204 18.23 5.11 12.41
CA GLY A 204 19.30 4.80 11.45
C GLY A 204 18.94 5.23 10.02
N ASP A 205 19.84 4.94 9.08
CA ASP A 205 19.59 5.34 7.69
CA ASP A 205 19.70 5.37 7.68
C ASP A 205 19.81 4.23 6.68
N ASP A 206 20.27 3.05 7.12
CA ASP A 206 20.52 1.90 6.19
C ASP A 206 19.21 1.29 5.71
N VAL A 207 18.80 1.65 4.48
CA VAL A 207 17.52 1.21 3.93
C VAL A 207 17.47 -0.30 3.71
N ARG A 208 18.59 -0.89 3.31
CA ARG A 208 18.65 -2.33 3.05
CA ARG A 208 18.63 -2.32 3.06
C ARG A 208 18.34 -3.13 4.31
N GLN A 209 18.74 -2.58 5.47
CA GLN A 209 18.54 -3.23 6.73
C GLN A 209 17.06 -3.18 7.17
N LEU A 210 16.44 -2.00 7.08
CA LEU A 210 15.01 -1.81 7.45
C LEU A 210 14.38 -0.96 6.34
N PRO A 211 13.79 -1.64 5.33
CA PRO A 211 13.32 -0.94 4.13
C PRO A 211 12.29 0.19 4.33
N ILE A 212 11.53 0.17 5.43
CA ILE A 212 10.61 1.27 5.74
C ILE A 212 11.39 2.63 5.77
N ARG A 213 12.69 2.56 6.06
CA ARG A 213 13.55 3.77 6.08
C ARG A 213 13.53 4.53 4.75
N ALA A 214 13.20 3.84 3.65
CA ALA A 214 13.13 4.50 2.33
C ALA A 214 12.09 5.65 2.33
N PHE A 215 11.07 5.52 3.18
CA PHE A 215 9.97 6.48 3.27
C PHE A 215 10.07 7.41 4.50
N LEU A 216 10.90 7.04 5.47
CA LEU A 216 11.06 7.84 6.70
C LEU A 216 11.96 9.07 6.55
N SER A 217 12.64 9.20 5.40
CA SER A 217 13.48 10.36 5.11
C SER A 217 12.73 11.40 4.24
N GLN A 218 11.44 11.15 3.97
CA GLN A 218 10.61 12.09 3.23
C GLN A 218 9.37 12.42 4.08
N PRO A 219 8.60 13.45 3.71
CA PRO A 219 7.45 13.75 4.57
C PRO A 219 6.56 12.55 4.72
N ILE A 220 6.13 12.29 5.95
CA ILE A 220 5.30 11.15 6.23
C ILE A 220 4.50 11.37 7.50
N ALA A 221 3.26 10.86 7.53
CA ALA A 221 2.42 10.87 8.70
C ALA A 221 2.30 9.43 9.23
N THR A 222 2.80 9.20 10.44
CA THR A 222 2.70 7.91 11.05
C THR A 222 1.48 7.89 11.97
N TYR A 223 0.54 6.96 11.70
CA TYR A 223 -0.64 6.76 12.55
C TYR A 223 -0.44 5.47 13.35
N TRP A 224 -0.23 5.61 14.67
CA TRP A 224 0.00 4.48 15.54
C TRP A 224 -0.99 4.46 16.70
N ALA A 225 -1.34 3.26 17.14
CA ALA A 225 -2.12 3.07 18.34
C ALA A 225 -1.63 1.81 19.06
N PRO A 226 -1.79 1.77 20.38
CA PRO A 226 -1.53 0.54 21.14
C PRO A 226 -2.33 -0.62 20.55
C1 GOL B . 6.12 13.63 -5.49
O1 GOL B . 6.88 14.15 -4.41
C2 GOL B . 5.05 14.64 -5.89
O2 GOL B . 5.61 15.69 -6.64
C3 GOL B . 4.36 15.24 -4.67
O3 GOL B . 3.09 15.71 -5.05
C1 GOL C . -2.25 -17.26 -9.77
O1 GOL C . -1.92 -18.39 -10.56
C2 GOL C . -3.02 -16.25 -10.63
O2 GOL C . -2.44 -16.14 -11.91
C3 GOL C . -3.00 -14.88 -10.00
O3 GOL C . -1.67 -14.54 -9.75
NA NA D . 9.75 -17.37 0.02
#